data_8PM7
#
_entry.id   8PM7
#
_cell.length_a   39.627
_cell.length_b   123.807
_cell.length_c   62.713
_cell.angle_alpha   90.000
_cell.angle_beta   93.530
_cell.angle_gamma   90.000
#
_symmetry.space_group_name_H-M   'P 1 21 1'
#
loop_
_entity.id
_entity.type
_entity.pdbx_description
1 polymer DNA
2 polymer DNA
3 polymer 'BarH-like 2 homeobox protein'
4 water water
#
loop_
_entity_poly.entity_id
_entity_poly.type
_entity_poly.pdbx_seq_one_letter_code
_entity_poly.pdbx_strand_id
1 'polydeoxyribonucleotide' (DC)(DG)(DC)(DT)(DA)(DA)(DT)(DC)(DG)(DG)(DT)(DT) B,D,F,H
2 'polydeoxyribonucleotide' (DA)(DA)(DC)(DC)(DG)(DA)(DT)(DT)(DA)(DG)(DC)(DG) I,J,K,L
3 'polypeptide(L)' KPRKARTAFSDHQLNQLERSFERQKYLSVQDRMDLAAALNLTDTQVKTWYQNRRTKWKRQTA A,C,E,G
#
# COMPACT_ATOMS: atom_id res chain seq x y z
N LYS I 1 31.34 6.77 5.51
CA LYS I 1 29.88 7.01 5.81
C LYS I 1 29.01 5.87 5.28
N PRO I 2 28.81 4.78 6.06
CA PRO I 2 27.94 3.67 5.67
C PRO I 2 26.61 4.12 5.05
N ARG I 3 26.18 3.47 3.98
CA ARG I 3 24.84 3.68 3.44
C ARG I 3 24.21 2.30 3.22
N LYS I 4 22.91 2.31 3.06
CA LYS I 4 22.18 1.08 2.71
C LYS I 4 22.52 0.68 1.28
N ALA I 5 22.47 -0.62 1.01
CA ALA I 5 22.64 -1.17 -0.35
C ALA I 5 21.51 -0.64 -1.20
N ARG I 6 21.75 -0.41 -2.48
CA ARG I 6 20.70 0.03 -3.42
C ARG I 6 19.75 -1.16 -3.66
N THR I 7 18.50 -1.03 -3.30
CA THR I 7 17.47 -2.06 -3.56
C THR I 7 17.31 -2.25 -5.07
N ALA I 8 17.27 -3.49 -5.51
CA ALA I 8 17.02 -3.85 -6.92
C ALA I 8 15.58 -4.34 -6.91
N PHE I 9 14.64 -3.49 -7.30
CA PHE I 9 13.22 -3.90 -7.32
C PHE I 9 13.04 -4.99 -8.39
N SER I 10 12.26 -6.03 -8.10
CA SER I 10 11.81 -6.98 -9.12
C SER I 10 10.91 -6.29 -10.14
N ASP I 11 10.74 -6.91 -11.29
CA ASP I 11 9.76 -6.40 -12.30
C ASP I 11 8.37 -6.35 -11.67
N HIS I 12 8.00 -7.37 -10.88
CA HIS I 12 6.68 -7.42 -10.21
C HIS I 12 6.56 -6.19 -9.31
N GLN I 13 7.58 -5.90 -8.50
CA GLN I 13 7.46 -4.76 -7.55
C GLN I 13 7.32 -3.45 -8.33
N LEU I 14 8.17 -3.22 -9.34
CA LEU I 14 8.13 -1.96 -10.11
C LEU I 14 6.76 -1.84 -10.81
N ASN I 15 6.25 -2.93 -11.35
CA ASN I 15 4.95 -2.93 -12.06
CA ASN I 15 4.95 -2.93 -12.04
C ASN I 15 3.85 -2.47 -11.07
N GLN I 16 3.82 -3.04 -9.87
CA GLN I 16 2.80 -2.72 -8.84
C GLN I 16 3.01 -1.31 -8.27
N LEU I 17 4.26 -0.86 -8.13
CA LEU I 17 4.48 0.51 -7.64
C LEU I 17 3.93 1.48 -8.71
N GLU I 18 4.23 1.25 -9.99
CA GLU I 18 3.82 2.14 -11.09
CA GLU I 18 3.81 2.15 -11.08
C GLU I 18 2.29 2.13 -11.16
N ARG I 19 1.66 0.97 -11.00
CA ARG I 19 0.19 0.85 -10.98
C ARG I 19 -0.34 1.75 -9.85
N SER I 20 0.23 1.65 -8.66
CA SER I 20 -0.22 2.44 -7.50
C SER I 20 -0.09 3.93 -7.85
N PHE I 21 1.01 4.33 -8.46
CA PHE I 21 1.24 5.75 -8.77
C PHE I 21 0.24 6.29 -9.81
N GLU I 22 -0.10 5.49 -10.81
CA GLU I 22 -1.15 5.85 -11.78
C GLU I 22 -2.48 6.07 -11.07
N ARG I 23 -2.78 5.36 -10.01
CA ARG I 23 -4.07 5.48 -9.27
C ARG I 23 -4.03 6.67 -8.27
N GLN I 24 -2.89 6.92 -7.65
CA GLN I 24 -2.78 7.85 -6.49
C GLN I 24 -1.40 8.49 -6.48
N LYS I 25 -1.31 9.83 -6.52
CA LYS I 25 0.02 10.52 -6.48
C LYS I 25 0.66 10.46 -5.07
N TYR I 26 -0.15 10.34 -4.04
CA TYR I 26 0.29 10.19 -2.63
C TYR I 26 -0.41 8.97 -2.04
N LEU I 27 0.24 8.33 -1.08
CA LEU I 27 -0.36 7.26 -0.26
C LEU I 27 -0.56 7.77 1.17
N SER I 28 -1.67 7.41 1.78
CA SER I 28 -1.88 7.50 3.24
C SER I 28 -0.86 6.58 3.92
N VAL I 29 -0.66 6.80 5.22
CA VAL I 29 0.19 5.88 6.02
C VAL I 29 -0.31 4.44 5.83
N GLN I 30 -1.61 4.26 5.96
CA GLN I 30 -2.26 2.92 5.90
CA GLN I 30 -2.22 2.91 5.90
C GLN I 30 -2.00 2.30 4.52
N ASP I 31 -2.23 3.04 3.44
CA ASP I 31 -2.08 2.52 2.06
C ASP I 31 -0.61 2.20 1.80
N ARG I 32 0.31 3.02 2.32
CA ARG I 32 1.76 2.77 2.15
C ARG I 32 2.11 1.46 2.86
N MET I 33 1.66 1.29 4.09
CA MET I 33 1.95 0.07 4.89
C MET I 33 1.36 -1.18 4.18
N ASP I 34 0.15 -1.05 3.62
CA ASP I 34 -0.52 -2.16 2.91
C ASP I 34 0.28 -2.53 1.66
N LEU I 35 0.73 -1.55 0.90
CA LEU I 35 1.47 -1.80 -0.35
C LEU I 35 2.83 -2.41 -0.03
N ALA I 36 3.49 -1.88 0.99
CA ALA I 36 4.79 -2.42 1.42
C ALA I 36 4.62 -3.90 1.75
N ALA I 37 3.62 -4.21 2.57
CA ALA I 37 3.42 -5.59 3.04
C ALA I 37 3.13 -6.48 1.82
N ALA I 38 2.26 -6.02 0.92
CA ALA I 38 1.82 -6.78 -0.27
C ALA I 38 3.05 -7.07 -1.14
N LEU I 39 4.02 -6.16 -1.22
CA LEU I 39 5.16 -6.33 -2.16
C LEU I 39 6.40 -6.89 -1.45
N ASN I 40 6.32 -7.14 -0.15
CA ASN I 40 7.49 -7.59 0.66
C ASN I 40 8.60 -6.54 0.58
N LEU I 41 8.25 -5.29 0.70
CA LEU I 41 9.18 -4.15 0.79
C LEU I 41 9.02 -3.52 2.15
N THR I 42 9.99 -2.72 2.57
CA THR I 42 9.87 -1.95 3.82
C THR I 42 8.96 -0.74 3.52
N ASP I 43 8.38 -0.22 4.59
CA ASP I 43 7.61 1.06 4.50
C ASP I 43 8.53 2.14 3.95
N THR I 44 9.80 2.20 4.40
CA THR I 44 10.71 3.24 3.88
C THR I 44 10.97 3.06 2.38
N GLN I 45 11.13 1.86 1.89
CA GLN I 45 11.43 1.62 0.46
C GLN I 45 10.25 2.14 -0.38
N VAL I 46 9.05 1.92 0.09
CA VAL I 46 7.83 2.37 -0.67
C VAL I 46 7.72 3.89 -0.55
N LYS I 47 7.99 4.45 0.64
CA LYS I 47 7.91 5.91 0.81
C LYS I 47 8.90 6.60 -0.13
N THR I 48 10.16 6.14 -0.13
CA THR I 48 11.22 6.71 -0.96
C THR I 48 10.86 6.51 -2.44
N TRP I 49 10.37 5.34 -2.82
CA TRP I 49 10.07 5.06 -4.25
C TRP I 49 9.02 6.10 -4.71
N TYR I 50 8.00 6.33 -3.88
CA TYR I 50 6.92 7.29 -4.20
C TYR I 50 7.47 8.70 -4.25
N GLN I 51 8.35 9.08 -3.32
CA GLN I 51 8.96 10.41 -3.33
C GLN I 51 9.76 10.63 -4.61
N ASN I 52 10.64 9.70 -4.94
CA ASN I 52 11.46 9.82 -6.16
C ASN I 52 10.52 9.79 -7.40
N ARG I 53 9.44 9.03 -7.38
CA ARG I 53 8.53 8.93 -8.55
C ARG I 53 7.83 10.29 -8.74
N ARG I 54 7.45 10.97 -7.63
CA ARG I 54 6.85 12.31 -7.77
C ARG I 54 7.89 13.26 -8.34
N THR I 55 9.16 13.21 -7.92
CA THR I 55 10.24 14.06 -8.49
C THR I 55 10.30 13.85 -10.01
N LYS I 56 10.31 12.59 -10.46
CA LYS I 56 10.39 12.26 -11.90
C LYS I 56 9.16 12.82 -12.62
N TRP I 57 7.98 12.66 -12.02
CA TRP I 57 6.70 13.15 -12.60
C TRP I 57 6.76 14.66 -12.79
N LYS I 58 7.25 15.37 -11.77
CA LYS I 58 7.43 16.85 -11.81
C LYS I 58 8.35 17.23 -12.97
N ARG I 59 9.45 16.51 -13.14
CA ARG I 59 10.45 16.83 -14.19
C ARG I 59 9.82 16.57 -15.56
N GLN I 60 9.14 15.43 -15.76
CA GLN I 60 8.67 15.02 -17.12
C GLN I 60 7.49 15.87 -17.57
N THR I 61 6.77 16.48 -16.63
CA THR I 61 5.76 17.52 -16.90
C THR I 61 6.48 18.85 -17.13
N LYS J 1 -8.90 2.45 11.86
CA LYS J 1 -8.09 2.71 13.09
C LYS J 1 -6.59 2.65 12.77
N PRO J 2 -6.13 3.39 11.73
CA PRO J 2 -4.77 3.22 11.19
C PRO J 2 -3.69 3.18 12.28
N ARG J 3 -2.71 2.31 12.14
CA ARG J 3 -1.60 2.28 13.13
C ARG J 3 -0.52 3.27 12.66
N LYS J 4 0.15 3.89 13.62
CA LYS J 4 1.35 4.70 13.35
C LYS J 4 2.46 3.80 12.77
N ALA J 5 3.27 4.37 11.90
CA ALA J 5 4.45 3.72 11.29
C ALA J 5 5.40 3.35 12.43
N ARG J 6 6.11 2.26 12.27
CA ARG J 6 7.06 1.78 13.30
C ARG J 6 8.29 2.68 13.25
N THR J 7 8.60 3.39 14.33
CA THR J 7 9.78 4.27 14.38
C THR J 7 11.05 3.39 14.32
N ALA J 8 12.02 3.79 13.53
CA ALA J 8 13.38 3.17 13.53
C ALA J 8 14.28 4.10 14.33
N PHE J 9 14.60 3.74 15.55
CA PHE J 9 15.49 4.58 16.40
C PHE J 9 16.90 4.58 15.81
N SER J 10 17.57 5.74 15.82
CA SER J 10 18.99 5.85 15.43
C SER J 10 19.86 5.14 16.48
N ASP J 11 21.09 4.86 16.14
CA ASP J 11 22.08 4.31 17.12
C ASP J 11 22.18 5.26 18.31
N HIS J 12 22.25 6.58 18.04
CA HIS J 12 22.31 7.60 19.11
C HIS J 12 21.12 7.45 20.05
N GLN J 13 19.91 7.39 19.51
CA GLN J 13 18.70 7.32 20.33
C GLN J 13 18.70 6.04 21.16
N LEU J 14 19.01 4.88 20.56
CA LEU J 14 19.03 3.61 21.32
C LEU J 14 20.12 3.66 22.40
N ASN J 15 21.26 4.20 22.10
CA ASN J 15 22.40 4.25 23.08
C ASN J 15 21.94 5.07 24.30
N GLN J 16 21.33 6.25 24.06
CA GLN J 16 20.86 7.16 25.14
C GLN J 16 19.65 6.56 25.86
N LEU J 17 18.71 5.91 25.16
CA LEU J 17 17.58 5.28 25.86
C LEU J 17 18.08 4.19 26.79
N GLU J 18 19.00 3.35 26.31
CA GLU J 18 19.48 2.19 27.10
C GLU J 18 20.27 2.71 28.29
N ARG J 19 21.03 3.77 28.09
CA ARG J 19 21.81 4.39 29.17
C ARG J 19 20.83 4.93 30.20
N SER J 20 19.77 5.58 29.76
CA SER J 20 18.74 6.16 30.67
C SER J 20 18.14 5.01 31.46
N PHE J 21 17.81 3.91 30.81
CA PHE J 21 17.15 2.77 31.49
C PHE J 21 18.07 2.13 32.54
N GLU J 22 19.35 2.01 32.20
CA GLU J 22 20.37 1.47 33.12
C GLU J 22 20.39 2.34 34.38
N ARG J 23 20.25 3.65 34.24
CA ARG J 23 20.35 4.62 35.37
C ARG J 23 19.04 4.76 36.12
N GLN J 24 17.89 4.70 35.44
CA GLN J 24 16.55 4.91 36.10
C GLN J 24 15.49 4.04 35.41
N LYS J 25 14.85 3.14 36.14
CA LYS J 25 13.89 2.17 35.59
C LYS J 25 12.55 2.90 35.31
N TYR J 26 12.25 3.95 36.07
CA TYR J 26 11.03 4.78 35.93
C TYR J 26 11.42 6.23 35.81
N LEU J 27 10.77 6.97 34.93
CA LEU J 27 11.02 8.41 34.72
C LEU J 27 9.81 9.19 35.25
N SER J 28 10.05 10.33 35.84
CA SER J 28 8.99 11.35 36.03
C SER J 28 8.52 11.83 34.65
N VAL J 29 7.36 12.46 34.63
CA VAL J 29 6.84 13.12 33.41
C VAL J 29 7.89 14.10 32.91
N GLN J 30 8.46 14.90 33.80
CA GLN J 30 9.44 15.95 33.44
C GLN J 30 10.69 15.30 32.80
N ASP J 31 11.21 14.24 33.40
CA ASP J 31 12.45 13.57 32.91
C ASP J 31 12.15 12.91 31.57
N ARG J 32 10.97 12.29 31.41
CA ARG J 32 10.54 11.70 30.14
C ARG J 32 10.51 12.78 29.05
N MET J 33 9.86 13.92 29.32
CA MET J 33 9.72 14.99 28.31
C MET J 33 11.13 15.57 27.98
N ASP J 34 12.01 15.67 28.95
CA ASP J 34 13.39 16.21 28.74
C ASP J 34 14.19 15.22 27.90
N LEU J 35 14.04 13.90 28.11
CA LEU J 35 14.76 12.89 27.31
C LEU J 35 14.22 12.90 25.87
N ALA J 36 12.89 12.99 25.74
CA ALA J 36 12.24 13.08 24.41
C ALA J 36 12.84 14.26 23.66
N ALA J 37 12.87 15.43 24.28
CA ALA J 37 13.33 16.68 23.63
C ALA J 37 14.81 16.50 23.24
N ALA J 38 15.63 15.98 24.16
CA ALA J 38 17.07 15.77 23.93
C ALA J 38 17.27 14.83 22.72
N LEU J 39 16.43 13.83 22.54
CA LEU J 39 16.61 12.84 21.45
C LEU J 39 15.79 13.16 20.21
N ASN J 40 15.01 14.24 20.18
CA ASN J 40 14.12 14.59 19.05
C ASN J 40 13.11 13.46 18.83
N LEU J 41 12.57 12.91 19.90
CA LEU J 41 11.51 11.92 19.88
C LEU J 41 10.26 12.55 20.50
N THR J 42 9.13 11.90 20.33
CA THR J 42 7.88 12.36 20.97
C THR J 42 7.89 11.83 22.40
N ASP J 43 7.17 12.52 23.26
CA ASP J 43 6.92 12.06 24.64
C ASP J 43 6.37 10.63 24.59
N THR J 44 5.41 10.33 23.70
CA THR J 44 4.82 8.98 23.69
C THR J 44 5.84 7.95 23.25
N GLN J 45 6.70 8.26 22.29
CA GLN J 45 7.74 7.30 21.81
C GLN J 45 8.62 6.90 22.99
N VAL J 46 9.00 7.86 23.82
CA VAL J 46 9.91 7.57 24.96
C VAL J 46 9.11 6.80 26.02
N LYS J 47 7.84 7.18 26.27
CA LYS J 47 7.02 6.47 27.26
C LYS J 47 6.91 4.99 26.87
N THR J 48 6.56 4.73 25.62
CA THR J 48 6.37 3.37 25.09
C THR J 48 7.71 2.61 25.13
N TRP J 49 8.78 3.27 24.75
CA TRP J 49 10.13 2.60 24.71
C TRP J 49 10.44 2.12 26.15
N TYR J 50 10.21 2.98 27.13
CA TYR J 50 10.47 2.66 28.54
C TYR J 50 9.57 1.54 29.00
N GLN J 51 8.28 1.58 28.64
CA GLN J 51 7.34 0.54 29.09
C GLN J 51 7.75 -0.81 28.49
N ASN J 52 8.03 -0.87 27.21
CA ASN J 52 8.43 -2.14 26.55
C ASN J 52 9.75 -2.63 27.18
N ARG J 53 10.65 -1.71 27.48
CA ARG J 53 11.99 -2.07 28.05
C ARG J 53 11.79 -2.64 29.46
N ARG J 54 10.90 -2.05 30.25
CA ARG J 54 10.65 -2.56 31.62
C ARG J 54 10.01 -3.92 31.55
N THR J 55 9.07 -4.15 30.61
CA THR J 55 8.42 -5.46 30.52
C THR J 55 9.52 -6.51 30.17
N LYS J 56 10.47 -6.21 29.30
CA LYS J 56 11.58 -7.12 29.01
C LYS J 56 12.45 -7.36 30.25
N TRP J 57 12.79 -6.30 30.98
CA TRP J 57 13.62 -6.38 32.22
C TRP J 57 12.93 -7.27 33.25
N LYS J 58 11.62 -7.12 33.42
CA LYS J 58 10.84 -7.93 34.40
C LYS J 58 10.68 -9.38 33.90
N ARG J 59 11.08 -9.72 32.67
CA ARG J 59 11.05 -11.10 32.10
C ARG J 59 9.82 -11.85 32.62
N PRO K 2 -30.17 27.56 -11.82
CA PRO K 2 -30.66 26.17 -11.65
C PRO K 2 -29.52 25.16 -11.83
N ARG K 3 -29.46 24.16 -10.98
CA ARG K 3 -28.33 23.24 -10.96
C ARG K 3 -28.69 21.99 -11.79
N LYS K 4 -27.77 21.46 -12.59
CA LYS K 4 -28.01 20.17 -13.29
C LYS K 4 -28.09 19.05 -12.25
N ALA K 5 -28.91 18.03 -12.50
CA ALA K 5 -29.02 16.85 -11.63
C ALA K 5 -27.67 16.15 -11.64
N ARG K 6 -27.30 15.58 -10.49
CA ARG K 6 -26.07 14.82 -10.32
C ARG K 6 -26.19 13.53 -11.15
N THR K 7 -25.28 13.32 -12.09
CA THR K 7 -25.32 12.07 -12.91
C THR K 7 -24.92 10.92 -12.00
N ALA K 8 -25.64 9.80 -12.01
CA ALA K 8 -25.20 8.58 -11.31
C ALA K 8 -24.51 7.69 -12.36
N PHE K 9 -23.20 7.62 -12.35
CA PHE K 9 -22.47 6.80 -13.34
C PHE K 9 -22.76 5.32 -13.09
N SER K 10 -22.97 4.53 -14.14
CA SER K 10 -22.98 3.05 -14.00
C SER K 10 -21.59 2.51 -13.61
N ASP K 11 -21.56 1.28 -13.14
CA ASP K 11 -20.30 0.51 -12.95
C ASP K 11 -19.50 0.54 -14.24
N HIS K 12 -20.13 0.25 -15.37
CA HIS K 12 -19.42 0.21 -16.68
C HIS K 12 -18.77 1.56 -16.93
N GLN K 13 -19.49 2.66 -16.73
CA GLN K 13 -18.95 3.99 -17.04
C GLN K 13 -17.75 4.28 -16.10
N LEU K 14 -17.88 4.03 -14.81
CA LEU K 14 -16.79 4.33 -13.84
C LEU K 14 -15.58 3.44 -14.14
N ASN K 15 -15.83 2.19 -14.48
CA ASN K 15 -14.75 1.23 -14.79
C ASN K 15 -13.94 1.78 -15.98
N GLN K 16 -14.63 2.15 -17.05
CA GLN K 16 -13.99 2.66 -18.30
C GLN K 16 -13.34 4.01 -18.08
N LEU K 17 -13.97 4.90 -17.31
CA LEU K 17 -13.35 6.19 -17.00
C LEU K 17 -12.04 5.98 -16.23
N GLU K 18 -12.03 5.08 -15.24
CA GLU K 18 -10.87 4.84 -14.37
C GLU K 18 -9.80 4.19 -15.23
N ARG K 19 -10.16 3.23 -16.10
CA ARG K 19 -9.16 2.59 -16.99
C ARG K 19 -8.53 3.66 -17.88
N SER K 20 -9.34 4.58 -18.43
CA SER K 20 -8.78 5.65 -19.27
C SER K 20 -7.81 6.50 -18.42
N PHE K 21 -8.21 6.84 -17.21
CA PHE K 21 -7.42 7.74 -16.32
C PHE K 21 -6.10 7.09 -15.93
N GLU K 22 -6.10 5.78 -15.67
CA GLU K 22 -4.89 5.02 -15.30
C GLU K 22 -3.89 5.17 -16.47
N ARG K 23 -4.36 5.14 -17.73
CA ARG K 23 -3.39 5.19 -18.84
C ARG K 23 -3.08 6.63 -19.25
N GLN K 24 -4.00 7.60 -19.10
CA GLN K 24 -3.78 8.98 -19.61
C GLN K 24 -4.46 9.98 -18.66
N LYS K 25 -3.69 10.82 -18.01
CA LYS K 25 -4.20 11.79 -17.01
C LYS K 25 -4.96 12.91 -17.71
N TYR K 26 -4.62 13.22 -18.96
CA TYR K 26 -5.26 14.27 -19.79
C TYR K 26 -5.71 13.63 -21.10
N LEU K 27 -6.89 13.98 -21.58
CA LEU K 27 -7.36 13.52 -22.92
C LEU K 27 -7.41 14.71 -23.88
N SER K 28 -7.01 14.50 -25.12
CA SER K 28 -7.36 15.40 -26.25
C SER K 28 -8.89 15.58 -26.33
N VAL K 29 -9.28 16.63 -27.02
CA VAL K 29 -10.72 16.92 -27.29
C VAL K 29 -11.31 15.69 -27.97
N GLN K 30 -10.63 15.18 -28.98
CA GLN K 30 -11.12 14.06 -29.82
C GLN K 30 -11.31 12.82 -28.93
N ASP K 31 -10.33 12.47 -28.10
CA ASP K 31 -10.38 11.25 -27.25
C ASP K 31 -11.50 11.43 -26.22
N ARG K 32 -11.65 12.62 -25.66
CA ARG K 32 -12.71 12.89 -24.66
C ARG K 32 -14.07 12.66 -25.35
N MET K 33 -14.27 13.22 -26.52
CA MET K 33 -15.57 13.11 -27.27
C MET K 33 -15.83 11.64 -27.64
N ASP K 34 -14.79 10.89 -28.00
CA ASP K 34 -14.89 9.46 -28.35
C ASP K 34 -15.30 8.66 -27.13
N LEU K 35 -14.71 8.93 -25.97
CA LEU K 35 -15.01 8.19 -24.73
C LEU K 35 -16.44 8.52 -24.30
N ALA K 36 -16.80 9.82 -24.36
CA ALA K 36 -18.19 10.24 -24.04
C ALA K 36 -19.17 9.43 -24.91
N ALA K 37 -18.97 9.43 -26.20
CA ALA K 37 -19.89 8.74 -27.15
C ALA K 37 -19.96 7.25 -26.80
N ALA K 38 -18.80 6.62 -26.57
CA ALA K 38 -18.70 5.18 -26.25
C ALA K 38 -19.51 4.89 -24.98
N LEU K 39 -19.49 5.79 -23.99
CA LEU K 39 -20.15 5.51 -22.69
C LEU K 39 -21.57 6.11 -22.65
N ASN K 40 -22.02 6.79 -23.67
CA ASN K 40 -23.35 7.47 -23.71
C ASN K 40 -23.42 8.47 -22.54
N LEU K 41 -22.36 9.24 -22.41
CA LEU K 41 -22.28 10.39 -21.49
C LEU K 41 -22.10 11.62 -22.34
N THR K 42 -22.30 12.80 -21.74
CA THR K 42 -22.04 14.06 -22.46
C THR K 42 -20.55 14.32 -22.44
N ASP K 43 -20.08 15.10 -23.39
CA ASP K 43 -18.68 15.54 -23.40
C ASP K 43 -18.41 16.27 -22.08
N THR K 44 -19.33 17.12 -21.61
CA THR K 44 -19.10 17.86 -20.35
C THR K 44 -18.97 16.89 -19.18
N GLN K 45 -19.78 15.84 -19.10
CA GLN K 45 -19.74 14.88 -17.98
C GLN K 45 -18.37 14.21 -17.96
N VAL K 46 -17.81 13.88 -19.12
CA VAL K 46 -16.46 13.21 -19.14
C VAL K 46 -15.39 14.23 -18.79
N LYS K 47 -15.50 15.46 -19.28
CA LYS K 47 -14.54 16.54 -18.96
C LYS K 47 -14.48 16.76 -17.45
N THR K 48 -15.64 16.90 -16.84
CA THR K 48 -15.82 17.17 -15.41
C THR K 48 -15.27 15.99 -14.63
N TRP K 49 -15.60 14.77 -15.06
CA TRP K 49 -15.14 13.55 -14.34
C TRP K 49 -13.61 13.53 -14.33
N TYR K 50 -12.99 13.83 -15.44
CA TYR K 50 -11.51 13.82 -15.58
C TYR K 50 -10.90 14.92 -14.69
N GLN K 51 -11.53 16.08 -14.66
CA GLN K 51 -11.04 17.21 -13.84
C GLN K 51 -11.10 16.85 -12.36
N ASN K 52 -12.23 16.35 -11.90
CA ASN K 52 -12.39 15.93 -10.50
C ASN K 52 -11.41 14.79 -10.19
N ARG K 53 -11.25 13.88 -11.12
CA ARG K 53 -10.37 12.70 -10.90
C ARG K 53 -8.91 13.14 -10.78
N ARG K 54 -8.47 14.10 -11.57
CA ARG K 54 -7.12 14.66 -11.44
C ARG K 54 -6.95 15.30 -10.07
N THR K 55 -7.97 16.06 -9.56
CA THR K 55 -7.87 16.69 -8.24
C THR K 55 -7.68 15.61 -7.18
N LYS K 56 -8.47 14.55 -7.27
CA LYS K 56 -8.41 13.42 -6.32
C LYS K 56 -7.01 12.74 -6.38
N TRP K 57 -6.51 12.56 -7.59
CA TRP K 57 -5.20 11.87 -7.82
C TRP K 57 -4.08 12.62 -7.13
N LYS K 58 -4.10 13.95 -7.15
CA LYS K 58 -3.04 14.79 -6.58
C LYS K 58 -3.27 15.04 -5.07
N ARG K 59 -4.34 14.52 -4.49
CA ARG K 59 -4.71 14.92 -3.12
C ARG K 59 -3.73 14.35 -2.10
N GLN K 60 -3.46 15.10 -1.03
CA GLN K 60 -2.76 14.57 0.17
C GLN K 60 -3.73 14.42 1.33
N THR K 61 -3.69 13.28 2.01
CA THR K 61 -4.73 12.75 2.94
C THR K 61 -5.16 13.82 3.98
N PRO L 2 -17.79 -0.66 -4.20
CA PRO L 2 -16.56 -0.52 -4.96
C PRO L 2 -15.83 -1.86 -5.12
N ARG L 3 -15.33 -2.15 -6.32
CA ARG L 3 -14.67 -3.42 -6.67
C ARG L 3 -13.21 -3.43 -6.20
N LYS L 4 -12.72 -4.49 -5.58
CA LYS L 4 -11.30 -4.59 -5.21
C LYS L 4 -10.44 -4.64 -6.47
N ALA L 5 -9.23 -4.07 -6.40
CA ALA L 5 -8.21 -4.12 -7.47
C ALA L 5 -7.92 -5.59 -7.75
N ARG L 6 -7.66 -5.90 -9.02
CA ARG L 6 -7.28 -7.24 -9.46
C ARG L 6 -5.86 -7.54 -8.90
N THR L 7 -5.73 -8.56 -8.08
CA THR L 7 -4.43 -8.97 -7.49
C THR L 7 -3.50 -9.44 -8.61
N ALA L 8 -2.24 -9.00 -8.59
CA ALA L 8 -1.17 -9.51 -9.44
C ALA L 8 -0.27 -10.38 -8.55
N PHE L 9 -0.24 -11.67 -8.76
CA PHE L 9 0.50 -12.60 -7.86
C PHE L 9 1.98 -12.55 -8.24
N SER L 10 2.88 -12.54 -7.27
CA SER L 10 4.33 -12.82 -7.54
C SER L 10 4.52 -14.25 -8.08
N ASP L 11 5.64 -14.52 -8.71
CA ASP L 11 6.11 -15.88 -9.07
C ASP L 11 6.08 -16.77 -7.83
N HIS L 12 6.61 -16.30 -6.71
CA HIS L 12 6.66 -17.06 -5.45
C HIS L 12 5.25 -17.47 -5.06
N GLN L 13 4.30 -16.54 -5.12
CA GLN L 13 2.94 -16.86 -4.67
C GLN L 13 2.33 -17.88 -5.63
N LEU L 14 2.40 -17.67 -6.94
CA LEU L 14 1.75 -18.57 -7.94
C LEU L 14 2.40 -19.97 -7.81
N ASN L 15 3.72 -20.01 -7.66
CA ASN L 15 4.43 -21.30 -7.58
C ASN L 15 3.92 -22.08 -6.38
N GLN L 16 3.84 -21.42 -5.22
CA GLN L 16 3.37 -22.08 -3.97
C GLN L 16 1.88 -22.40 -4.03
N LEU L 17 1.06 -21.55 -4.64
CA LEU L 17 -0.38 -21.88 -4.76
C LEU L 17 -0.54 -23.15 -5.62
N GLU L 18 0.18 -23.23 -6.74
CA GLU L 18 0.05 -24.37 -7.68
C GLU L 18 0.57 -25.62 -6.97
N ARG L 19 1.68 -25.53 -6.22
CA ARG L 19 2.19 -26.69 -5.47
C ARG L 19 1.13 -27.14 -4.46
N SER L 20 0.51 -26.20 -3.75
CA SER L 20 -0.56 -26.57 -2.77
C SER L 20 -1.70 -27.28 -3.51
N PHE L 21 -2.12 -26.73 -4.65
CA PHE L 21 -3.28 -27.27 -5.40
C PHE L 21 -2.99 -28.69 -5.93
N GLU L 22 -1.77 -28.94 -6.39
CA GLU L 22 -1.35 -30.29 -6.84
C GLU L 22 -1.49 -31.27 -5.68
N ARG L 23 -1.19 -30.86 -4.46
CA ARG L 23 -1.25 -31.74 -3.26
C ARG L 23 -2.68 -31.90 -2.75
N GLN L 24 -3.47 -30.82 -2.75
CA GLN L 24 -4.83 -30.81 -2.12
C GLN L 24 -5.76 -29.88 -2.91
N LYS L 25 -6.85 -30.42 -3.45
CA LYS L 25 -7.78 -29.65 -4.31
C LYS L 25 -8.66 -28.74 -3.43
N TYR L 26 -8.88 -29.11 -2.18
CA TYR L 26 -9.63 -28.34 -1.16
C TYR L 26 -8.75 -28.21 0.07
N LEU L 27 -8.80 -27.05 0.72
CA LEU L 27 -8.05 -26.77 1.96
C LEU L 27 -9.03 -26.64 3.12
N SER L 28 -8.70 -27.21 4.27
CA SER L 28 -9.31 -26.83 5.57
C SER L 28 -9.12 -25.32 5.80
N VAL L 29 -9.93 -24.78 6.69
CA VAL L 29 -9.80 -23.37 7.13
C VAL L 29 -8.36 -23.16 7.61
N GLN L 30 -7.86 -24.06 8.44
CA GLN L 30 -6.52 -23.93 9.06
C GLN L 30 -5.44 -23.90 7.97
N ASP L 31 -5.51 -24.83 7.01
CA ASP L 31 -4.48 -24.94 5.94
C ASP L 31 -4.54 -23.68 5.07
N ARG L 32 -5.76 -23.19 4.79
CA ARG L 32 -5.92 -21.97 3.97
C ARG L 32 -5.24 -20.80 4.70
N MET L 33 -5.55 -20.61 5.98
CA MET L 33 -5.02 -19.47 6.78
C MET L 33 -3.48 -19.57 6.89
N ASP L 34 -2.96 -20.79 7.01
CA ASP L 34 -1.48 -21.03 7.12
C ASP L 34 -0.82 -20.67 5.79
N LEU L 35 -1.43 -21.05 4.66
CA LEU L 35 -0.83 -20.78 3.34
C LEU L 35 -0.92 -19.28 3.06
N ALA L 36 -2.04 -18.64 3.38
CA ALA L 36 -2.19 -17.19 3.22
C ALA L 36 -1.06 -16.48 3.97
N ALA L 37 -0.89 -16.83 5.24
CA ALA L 37 0.13 -16.17 6.10
C ALA L 37 1.54 -16.42 5.48
N ALA L 38 1.83 -17.66 5.08
CA ALA L 38 3.11 -18.06 4.48
C ALA L 38 3.38 -17.24 3.21
N LEU L 39 2.37 -16.94 2.40
CA LEU L 39 2.55 -16.28 1.09
C LEU L 39 2.32 -14.78 1.16
N ASN L 40 2.00 -14.23 2.33
CA ASN L 40 1.70 -12.80 2.48
CA ASN L 40 1.68 -12.79 2.49
C ASN L 40 0.50 -12.43 1.58
N LEU L 41 -0.51 -13.27 1.59
CA LEU L 41 -1.82 -13.00 0.95
C LEU L 41 -2.87 -12.90 2.04
N THR L 42 -4.05 -12.38 1.71
CA THR L 42 -5.21 -12.44 2.62
C THR L 42 -5.81 -13.84 2.52
N ASP L 43 -6.51 -14.24 3.55
CA ASP L 43 -7.30 -15.48 3.54
C ASP L 43 -8.25 -15.46 2.33
N THR L 44 -8.90 -14.33 2.09
CA THR L 44 -9.86 -14.24 0.95
C THR L 44 -9.12 -14.44 -0.38
N GLN L 45 -7.95 -13.84 -0.57
CA GLN L 45 -7.21 -13.97 -1.84
C GLN L 45 -6.90 -15.45 -2.08
N VAL L 46 -6.54 -16.19 -1.04
CA VAL L 46 -6.23 -17.64 -1.22
C VAL L 46 -7.52 -18.43 -1.47
N LYS L 47 -8.60 -18.09 -0.76
CA LYS L 47 -9.90 -18.79 -0.95
C LYS L 47 -10.36 -18.63 -2.40
N THR L 48 -10.31 -17.42 -2.90
CA THR L 48 -10.72 -17.04 -4.28
C THR L 48 -9.78 -17.75 -5.26
N TRP L 49 -8.48 -17.76 -4.99
CA TRP L 49 -7.50 -18.37 -5.96
C TRP L 49 -7.82 -19.87 -6.08
N TYR L 50 -8.08 -20.52 -4.96
CA TYR L 50 -8.42 -21.95 -4.91
C TYR L 50 -9.74 -22.19 -5.66
N GLN L 51 -10.73 -21.31 -5.47
CA GLN L 51 -12.04 -21.49 -6.14
C GLN L 51 -11.88 -21.37 -7.66
N ASN L 52 -11.19 -20.33 -8.11
CA ASN L 52 -10.95 -20.11 -9.55
C ASN L 52 -10.09 -21.25 -10.11
N ARG L 53 -9.15 -21.74 -9.32
CA ARG L 53 -8.25 -22.82 -9.78
C ARG L 53 -9.07 -24.13 -9.95
N ARG L 54 -10.02 -24.40 -9.05
CA ARG L 54 -10.95 -25.54 -9.21
C ARG L 54 -11.75 -25.38 -10.49
N THR L 55 -12.23 -24.17 -10.83
CA THR L 55 -12.98 -23.95 -12.09
C THR L 55 -12.12 -24.38 -13.30
N LYS L 56 -10.85 -23.97 -13.29
CA LYS L 56 -9.92 -24.30 -14.40
C LYS L 56 -9.68 -25.83 -14.43
N TRP L 57 -9.53 -26.44 -13.25
CA TRP L 57 -9.30 -27.90 -13.12
C TRP L 57 -10.49 -28.66 -13.69
N LYS L 58 -11.70 -28.25 -13.36
CA LYS L 58 -12.91 -28.93 -13.89
C LYS L 58 -12.97 -28.74 -15.40
N ARG L 59 -12.63 -27.58 -15.91
CA ARG L 59 -12.59 -27.36 -17.37
C ARG L 59 -11.57 -28.28 -18.04
N GLN L 60 -10.34 -28.39 -17.53
CA GLN L 60 -9.22 -29.08 -18.23
C GLN L 60 -9.42 -30.60 -18.24
N THR L 61 -10.26 -31.14 -17.33
CA THR L 61 -10.79 -32.53 -17.40
C THR L 61 -12.03 -32.52 -18.30
#